data_8JWH
#
_entry.id   8JWH
#
_cell.length_a   1.00
_cell.length_b   1.00
_cell.length_c   1.00
_cell.angle_alpha   90.00
_cell.angle_beta   90.00
_cell.angle_gamma   90.00
#
_symmetry.space_group_name_H-M   'P 1'
#
_entity_poly.entity_id   1
_entity_poly.type   'polypeptide(L)'
_entity_poly.pdbx_seq_one_letter_code
;STIEEQAKTFLDKFNHEAEDLFYQSSLASWNYNTNITEENVQNMNNAGDKWSAFLKEQSTLAQMYPLQEIQNLTVKLQLQ
ALQQNGSSVLSEDKSKRLNTILNTMSTIYSTGKVCNPDNPQECLLLEPGLNEIMANSLDYNERLWAWESWRSEVGKQLRP
LYEEYVVLKNEMARANHYEDYGDYWRGDYEVNGVDGYDYSRGQLIEDVEHTFEEIKPLYEHLHAYVRAKLMNAYPSYISP
IGCLPAHLLGDMWGRFWTNLYSLTVPFGQKPNIDVTDAMVDQAWDAQRIFKEAEKFFVSVGLPNMTQGFWENSMLTDPGN
VQKAVCHPTAWDLGKGDFRILMCTKVTMDDFLTAHHEMGHIQYDMAYAAQPFLLRNGANEGFHEAVGEIMSLSAATPKHL
KSIGLLSPDFQEDNETEINFLLKQALTIVGTLPFTYMLEKWRWMVFKGEIPKDQWMKKWWEMKREIVGVVEPVPHDETYC
DPASLFHVSNDYSFIRYYTRTLYQFQFQEALCQAAKHEGPLHKCDISNSTEAGQKLFNMLRLGKSEPWTLALENVVGAKN
MNVRPLLNYFEPLFTWLKDQNKNSFVGWSTDWSPYAD
;
_entity_poly.pdbx_strand_id   A
#
# COMPACT_ATOMS: atom_id res chain seq x y z
N SER A 1 30.92 17.19 29.32
CA SER A 1 31.41 18.18 28.36
C SER A 1 30.31 19.16 27.97
N THR A 2 30.37 19.63 26.73
CA THR A 2 29.35 20.55 26.24
C THR A 2 28.03 19.83 26.05
N ILE A 3 26.99 20.59 25.65
CA ILE A 3 25.65 20.06 25.50
C ILE A 3 25.57 19.01 24.39
N GLU A 4 26.55 18.97 23.48
CA GLU A 4 26.51 17.97 22.41
C GLU A 4 26.73 16.57 22.96
N GLU A 5 27.74 16.39 23.82
CA GLU A 5 27.95 15.09 24.46
C GLU A 5 26.81 14.72 25.40
N GLN A 6 26.22 15.72 26.06
CA GLN A 6 25.03 15.48 26.87
C GLN A 6 23.89 14.97 26.02
N ALA A 7 23.72 15.54 24.82
CA ALA A 7 22.69 15.07 23.90
C ALA A 7 23.00 13.66 23.42
N LYS A 8 24.29 13.34 23.23
CA LYS A 8 24.66 11.99 22.85
C LYS A 8 24.27 10.97 23.92
N THR A 9 24.57 11.30 25.18
CA THR A 9 24.15 10.43 26.28
C THR A 9 22.63 10.34 26.38
N PHE A 10 21.95 11.46 26.16
CA PHE A 10 20.49 11.49 26.05
C PHE A 10 20.01 10.47 25.04
N LEU A 11 20.60 10.51 23.83
CA LEU A 11 20.21 9.58 22.79
C LEU A 11 20.48 8.14 23.18
N ASP A 12 21.61 7.87 23.84
CA ASP A 12 21.93 6.51 24.23
C ASP A 12 20.88 5.95 25.20
N LYS A 13 20.62 6.68 26.29
CA LYS A 13 19.68 6.17 27.28
C LYS A 13 18.25 6.14 26.71
N PHE A 14 17.92 7.13 25.86
CA PHE A 14 16.67 7.07 25.12
C PHE A 14 16.56 5.75 24.37
N ASN A 15 17.48 5.52 23.42
CA ASN A 15 17.41 4.34 22.58
C ASN A 15 17.27 3.06 23.39
N HIS A 16 17.96 2.95 24.52
CA HIS A 16 17.78 1.77 25.37
C HIS A 16 16.33 1.67 25.87
N GLU A 17 15.87 2.71 26.59
CA GLU A 17 14.55 2.64 27.20
C GLU A 17 13.45 2.53 26.14
N ALA A 18 13.62 3.22 25.02
CA ALA A 18 12.69 3.17 23.90
C ALA A 18 12.68 1.81 23.23
N GLU A 19 13.83 1.14 23.14
CA GLU A 19 13.82 -0.25 22.66
C GLU A 19 12.93 -1.10 23.54
N ASP A 20 13.12 -1.03 24.85
CA ASP A 20 12.30 -1.84 25.75
C ASP A 20 10.81 -1.50 25.62
N LEU A 21 10.48 -0.21 25.71
CA LEU A 21 9.10 0.24 25.67
C LEU A 21 8.44 -0.04 24.33
N PHE A 22 9.17 0.15 23.22
CA PHE A 22 8.65 -0.16 21.90
C PHE A 22 8.39 -1.65 21.73
N TYR A 23 9.27 -2.50 22.27
CA TYR A 23 9.00 -3.93 22.20
C TYR A 23 7.70 -4.26 22.93
N GLN A 24 7.52 -3.71 24.12
CA GLN A 24 6.28 -3.99 24.86
C GLN A 24 5.04 -3.45 24.14
N SER A 25 5.09 -2.21 23.64
CA SER A 25 3.95 -1.63 22.96
C SER A 25 3.62 -2.37 21.67
N SER A 26 4.64 -2.79 20.93
CA SER A 26 4.45 -3.54 19.70
C SER A 26 3.84 -4.90 20.00
N LEU A 27 4.26 -5.52 21.10
CA LEU A 27 3.64 -6.77 21.52
C LEU A 27 2.16 -6.56 21.79
N ALA A 28 1.83 -5.47 22.49
CA ALA A 28 0.42 -5.18 22.78
C ALA A 28 -0.38 -4.98 21.50
N SER A 29 0.17 -4.19 20.57
CA SER A 29 -0.53 -3.94 19.31
C SER A 29 -0.70 -5.22 18.49
N TRP A 30 0.32 -6.07 18.45
CA TRP A 30 0.25 -7.32 17.72
C TRP A 30 -0.82 -8.24 18.30
N ASN A 31 -0.80 -8.39 19.63
CA ASN A 31 -1.80 -9.23 20.28
C ASN A 31 -3.21 -8.67 20.11
N TYR A 32 -3.37 -7.35 19.99
CA TYR A 32 -4.65 -6.80 19.58
C TYR A 32 -5.01 -7.23 18.15
N ASN A 33 -4.10 -7.02 17.21
CA ASN A 33 -4.43 -7.17 15.80
C ASN A 33 -4.60 -8.63 15.38
N THR A 34 -4.11 -9.58 16.17
CA THR A 34 -4.31 -10.99 15.85
C THR A 34 -5.33 -11.68 16.75
N ASN A 35 -5.67 -11.10 17.89
CA ASN A 35 -6.56 -11.73 18.86
C ASN A 35 -7.58 -10.69 19.33
N ILE A 36 -8.24 -10.03 18.37
CA ILE A 36 -9.12 -8.90 18.67
C ILE A 36 -10.13 -9.28 19.75
N THR A 37 -10.07 -8.56 20.87
CA THR A 37 -11.04 -8.68 21.96
C THR A 37 -11.22 -7.27 22.52
N GLU A 38 -11.82 -7.17 23.71
CA GLU A 38 -11.88 -5.88 24.39
C GLU A 38 -10.69 -5.71 25.33
N GLU A 39 -10.26 -6.81 25.98
CA GLU A 39 -9.07 -6.77 26.82
C GLU A 39 -7.86 -6.34 26.00
N ASN A 40 -7.73 -6.85 24.78
CA ASN A 40 -6.66 -6.44 23.90
C ASN A 40 -6.79 -4.99 23.43
N VAL A 41 -8.01 -4.49 23.23
CA VAL A 41 -8.16 -3.06 22.95
C VAL A 41 -7.61 -2.25 24.11
N GLN A 42 -7.97 -2.61 25.35
CA GLN A 42 -7.48 -1.86 26.50
C GLN A 42 -5.96 -1.96 26.62
N ASN A 43 -5.41 -3.15 26.40
CA ASN A 43 -3.97 -3.34 26.50
C ASN A 43 -3.23 -2.51 25.45
N MET A 44 -3.67 -2.60 24.20
CA MET A 44 -3.04 -1.83 23.13
C MET A 44 -3.14 -0.34 23.43
N ASN A 45 -4.32 0.11 23.87
CA ASN A 45 -4.52 1.53 24.10
C ASN A 45 -3.63 2.05 25.23
N ASN A 46 -3.57 1.32 26.36
CA ASN A 46 -2.81 1.83 27.49
C ASN A 46 -1.31 1.74 27.22
N ALA A 47 -0.86 0.67 26.56
CA ALA A 47 0.55 0.59 26.20
C ALA A 47 0.95 1.69 25.24
N GLY A 48 0.14 1.94 24.21
CA GLY A 48 0.43 2.99 23.26
C GLY A 48 0.40 4.37 23.88
N ASP A 49 -0.56 4.63 24.78
CA ASP A 49 -0.62 5.94 25.42
C ASP A 49 0.56 6.15 26.37
N LYS A 50 0.96 5.11 27.10
CA LYS A 50 2.13 5.22 27.97
C LYS A 50 3.38 5.49 27.14
N TRP A 51 3.54 4.76 26.04
CA TRP A 51 4.69 4.99 25.17
C TRP A 51 4.67 6.39 24.58
N SER A 52 3.49 6.88 24.20
CA SER A 52 3.38 8.22 23.63
C SER A 52 3.70 9.29 24.68
N ALA A 53 3.27 9.09 25.92
CA ALA A 53 3.59 10.04 26.98
C ALA A 53 5.09 10.07 27.25
N PHE A 54 5.72 8.89 27.30
CA PHE A 54 7.17 8.82 27.47
C PHE A 54 7.88 9.52 26.32
N LEU A 55 7.39 9.27 25.09
CA LEU A 55 7.99 9.90 23.92
C LEU A 55 7.84 11.42 23.97
N LYS A 56 6.69 11.90 24.45
CA LYS A 56 6.47 13.35 24.48
C LYS A 56 7.32 14.01 25.56
N GLU A 57 7.54 13.33 26.69
CA GLU A 57 8.40 13.92 27.72
C GLU A 57 9.86 13.92 27.25
N GLN A 58 10.27 12.84 26.56
CA GLN A 58 11.60 12.87 25.95
C GLN A 58 11.70 13.94 24.88
N SER A 59 10.59 14.19 24.17
CA SER A 59 10.57 15.22 23.13
C SER A 59 10.74 16.60 23.74
N THR A 60 10.12 16.85 24.89
CA THR A 60 10.33 18.12 25.59
C THR A 60 11.79 18.23 26.05
N LEU A 61 12.32 17.15 26.62
CA LEU A 61 13.71 17.16 27.08
C LEU A 61 14.66 17.44 25.93
N ALA A 62 14.33 16.96 24.73
CA ALA A 62 15.11 17.30 23.54
C ALA A 62 14.84 18.71 23.05
N GLN A 63 13.61 19.21 23.20
CA GLN A 63 13.29 20.57 22.86
C GLN A 63 14.07 21.56 23.70
N MET A 64 14.56 21.11 24.87
CA MET A 64 15.50 21.92 25.63
C MET A 64 16.80 22.16 24.86
N TYR A 65 17.04 21.37 23.80
CA TYR A 65 18.34 21.36 23.14
C TYR A 65 18.22 22.00 21.76
N PRO A 66 18.64 23.26 21.58
CA PRO A 66 18.80 23.80 20.24
C PRO A 66 19.56 22.87 19.31
N LEU A 67 19.17 22.87 18.03
CA LEU A 67 19.82 22.00 17.05
C LEU A 67 21.08 22.64 16.47
N GLN A 68 21.38 23.88 16.85
CA GLN A 68 22.48 24.62 16.24
C GLN A 68 23.84 24.08 16.68
N GLU A 69 23.86 23.17 17.65
CA GLU A 69 25.10 22.58 18.15
C GLU A 69 25.52 21.33 17.38
N ILE A 70 24.77 20.96 16.35
CA ILE A 70 24.98 19.68 15.68
C ILE A 70 26.15 19.77 14.73
N GLN A 71 27.06 18.78 14.80
CA GLN A 71 28.08 18.59 13.79
C GLN A 71 27.78 17.33 12.99
N ASN A 72 27.46 16.24 13.68
CA ASN A 72 27.13 14.97 13.04
C ASN A 72 25.68 14.98 12.58
N LEU A 73 25.45 14.85 11.27
CA LEU A 73 24.11 15.04 10.71
C LEU A 73 23.14 13.96 11.19
N THR A 74 23.65 12.76 11.46
CA THR A 74 22.80 11.69 11.97
C THR A 74 22.18 12.09 13.30
N VAL A 75 23.00 12.72 14.16
CA VAL A 75 22.50 13.20 15.44
C VAL A 75 21.41 14.24 15.22
N LYS A 76 21.61 15.13 14.24
CA LYS A 76 20.57 16.10 13.90
C LYS A 76 19.28 15.41 13.49
N LEU A 77 19.39 14.33 12.70
CA LEU A 77 18.19 13.59 12.31
C LEU A 77 17.50 12.98 13.52
N GLN A 78 18.27 12.41 14.45
CA GLN A 78 17.67 11.78 15.62
C GLN A 78 16.92 12.81 16.48
N LEU A 79 17.58 13.92 16.79
CA LEU A 79 16.91 14.95 17.60
C LEU A 79 15.74 15.59 16.86
N GLN A 80 15.85 15.77 15.54
CA GLN A 80 14.72 16.31 14.79
C GLN A 80 13.54 15.34 14.82
N ALA A 81 13.82 14.04 14.76
CA ALA A 81 12.75 13.06 14.95
C ALA A 81 12.22 13.09 16.38
N LEU A 82 13.04 13.56 17.33
CA LEU A 82 12.60 13.74 18.71
C LEU A 82 12.07 15.13 18.98
N GLN A 83 12.20 16.07 18.04
CA GLN A 83 11.84 17.46 18.28
C GLN A 83 10.36 17.74 18.05
N GLN A 84 9.55 16.71 17.84
CA GLN A 84 8.13 16.92 17.58
C GLN A 84 7.42 17.36 18.85
N ASN A 85 6.50 18.32 18.71
CA ASN A 85 5.48 18.49 19.72
C ASN A 85 4.52 17.31 19.74
N GLY A 86 4.41 16.59 18.62
CA GLY A 86 3.71 15.32 18.56
C GLY A 86 2.21 15.41 18.61
N SER A 87 1.55 14.30 18.22
CA SER A 87 0.10 14.22 18.28
C SER A 87 -0.41 14.33 19.70
N SER A 88 0.47 14.15 20.69
CA SER A 88 0.10 14.36 22.09
C SER A 88 -0.12 15.82 22.42
N VAL A 89 0.04 16.73 21.46
CA VAL A 89 -0.20 18.15 21.71
C VAL A 89 -1.65 18.41 22.13
N LEU A 90 -2.59 17.59 21.66
CA LEU A 90 -4.00 17.79 21.93
C LEU A 90 -4.31 17.54 23.40
N SER A 91 -5.44 18.07 23.85
CA SER A 91 -5.89 17.86 25.22
C SER A 91 -6.19 16.38 25.46
N GLU A 92 -6.05 15.95 26.71
CA GLU A 92 -6.29 14.55 27.02
C GLU A 92 -7.71 14.12 26.68
N ASP A 93 -8.70 14.96 26.97
CA ASP A 93 -10.07 14.66 26.57
C ASP A 93 -10.19 14.62 25.04
N LYS A 94 -9.59 15.60 24.37
CA LYS A 94 -9.65 15.62 22.91
C LYS A 94 -8.90 14.44 22.31
N SER A 95 -7.73 14.12 22.85
CA SER A 95 -6.98 12.97 22.37
C SER A 95 -7.73 11.66 22.59
N LYS A 96 -8.39 11.51 23.75
CA LYS A 96 -9.18 10.33 24.01
C LYS A 96 -10.38 10.23 23.08
N ARG A 97 -11.05 11.35 22.79
CA ARG A 97 -12.15 11.31 21.84
C ARG A 97 -11.66 10.92 20.45
N LEU A 98 -10.51 11.46 20.03
CA LEU A 98 -9.94 11.12 18.73
C LEU A 98 -9.59 9.63 18.66
N ASN A 99 -8.98 9.11 19.73
CA ASN A 99 -8.64 7.69 19.78
C ASN A 99 -9.88 6.82 19.77
N THR A 100 -10.93 7.25 20.47
CA THR A 100 -12.20 6.53 20.47
C THR A 100 -12.77 6.46 19.06
N ILE A 101 -12.74 7.59 18.35
CA ILE A 101 -13.24 7.67 16.99
C ILE A 101 -12.44 6.70 16.11
N LEU A 102 -11.12 6.75 16.24
CA LEU A 102 -10.26 5.90 15.42
C LEU A 102 -10.54 4.42 15.68
N ASN A 103 -10.63 4.03 16.95
CA ASN A 103 -10.89 2.63 17.29
C ASN A 103 -12.26 2.19 16.82
N THR A 104 -13.28 3.04 16.99
CA THR A 104 -14.63 2.71 16.56
C THR A 104 -14.66 2.47 15.07
N MET A 105 -14.00 3.35 14.31
CA MET A 105 -13.94 3.18 12.86
C MET A 105 -13.19 1.89 12.50
N SER A 106 -12.08 1.61 13.20
CA SER A 106 -11.30 0.41 12.91
C SER A 106 -12.12 -0.86 13.10
N THR A 107 -12.80 -0.97 14.24
CA THR A 107 -13.63 -2.15 14.48
C THR A 107 -14.86 -2.22 13.60
N ILE A 108 -15.49 -1.10 13.26
CA ILE A 108 -16.64 -1.13 12.37
C ILE A 108 -16.20 -1.63 11.00
N TYR A 109 -15.02 -1.22 10.55
CA TYR A 109 -14.55 -1.70 9.26
C TYR A 109 -14.13 -3.17 9.31
N SER A 110 -13.34 -3.57 10.30
CA SER A 110 -12.74 -4.91 10.33
C SER A 110 -13.69 -5.98 10.85
N THR A 111 -14.81 -5.60 11.47
CA THR A 111 -15.75 -6.57 12.01
C THR A 111 -17.21 -6.28 11.65
N GLY A 112 -17.54 -5.06 11.25
CA GLY A 112 -18.92 -4.77 10.89
C GLY A 112 -19.38 -5.65 9.74
N LYS A 113 -20.52 -6.31 9.94
CA LYS A 113 -21.05 -7.26 9.00
C LYS A 113 -22.03 -6.58 8.06
N VAL A 114 -22.15 -7.14 6.86
CA VAL A 114 -23.16 -6.70 5.89
C VAL A 114 -24.43 -7.48 6.13
N CYS A 115 -25.53 -6.75 6.35
CA CYS A 115 -26.88 -7.30 6.35
C CYS A 115 -27.74 -6.47 5.42
N ASN A 116 -27.75 -6.85 4.16
CA ASN A 116 -28.43 -6.11 3.12
C ASN A 116 -29.79 -6.74 2.83
N PRO A 117 -30.81 -5.91 2.53
CA PRO A 117 -32.13 -6.43 2.15
C PRO A 117 -32.36 -6.60 0.66
N ASP A 118 -31.40 -6.21 -0.21
CA ASP A 118 -31.60 -6.49 -1.63
C ASP A 118 -31.68 -7.98 -1.90
N ASN A 119 -30.85 -8.78 -1.23
CA ASN A 119 -31.11 -10.20 -0.98
C ASN A 119 -31.56 -10.17 0.46
N PRO A 120 -32.86 -10.39 0.73
CA PRO A 120 -33.51 -9.70 1.85
C PRO A 120 -32.90 -9.90 3.23
N GLN A 121 -32.02 -10.89 3.41
CA GLN A 121 -31.48 -11.18 4.72
C GLN A 121 -29.95 -11.23 4.79
N GLU A 122 -29.24 -10.83 3.74
CA GLU A 122 -27.89 -11.35 3.54
C GLU A 122 -26.87 -10.70 4.46
N CYS A 123 -26.25 -11.50 5.32
CA CYS A 123 -25.22 -11.04 6.25
C CYS A 123 -23.93 -11.84 6.07
N LEU A 124 -22.84 -11.13 5.82
CA LEU A 124 -21.51 -11.73 5.69
C LEU A 124 -20.43 -10.74 6.13
N LEU A 125 -19.17 -11.12 5.89
CA LEU A 125 -17.99 -10.34 6.25
C LEU A 125 -17.34 -9.70 5.02
N LEU A 126 -16.15 -9.12 5.21
CA LEU A 126 -15.28 -8.69 4.11
C LEU A 126 -14.38 -9.79 3.61
N GLU A 127 -13.75 -10.54 4.50
CA GLU A 127 -12.88 -11.67 4.18
C GLU A 127 -13.75 -12.76 3.57
N PRO A 128 -13.20 -13.95 3.10
CA PRO A 128 -13.90 -14.72 2.06
C PRO A 128 -15.41 -14.68 2.10
N GLY A 129 -16.01 -14.29 0.98
CA GLY A 129 -17.32 -13.71 0.98
C GLY A 129 -17.34 -12.49 0.08
N LEU A 130 -17.54 -11.30 0.66
CA LEU A 130 -17.64 -10.07 -0.13
C LEU A 130 -16.48 -9.90 -1.09
N ASN A 131 -15.24 -10.09 -0.60
CA ASN A 131 -14.09 -10.02 -1.50
C ASN A 131 -14.14 -11.13 -2.54
N GLU A 132 -14.41 -12.36 -2.10
CA GLU A 132 -14.53 -13.48 -3.03
C GLU A 132 -15.72 -13.29 -3.97
N ILE A 133 -16.80 -12.69 -3.47
CA ILE A 133 -17.98 -12.44 -4.30
C ILE A 133 -17.63 -11.45 -5.41
N MET A 134 -16.92 -10.38 -5.07
CA MET A 134 -16.56 -9.38 -6.07
C MET A 134 -15.42 -9.86 -6.96
N ALA A 135 -14.72 -10.92 -6.54
CA ALA A 135 -13.59 -11.45 -7.29
C ALA A 135 -13.94 -12.59 -8.23
N ASN A 136 -14.97 -13.38 -7.92
CA ASN A 136 -15.27 -14.59 -8.67
C ASN A 136 -16.62 -14.57 -9.39
N SER A 137 -17.45 -13.57 -9.17
CA SER A 137 -18.78 -13.55 -9.75
C SER A 137 -18.82 -12.67 -11.00
N LEU A 138 -19.58 -13.12 -11.98
CA LEU A 138 -19.72 -12.41 -13.27
C LEU A 138 -21.20 -12.17 -13.56
N ASP A 139 -21.95 -11.73 -12.56
CA ASP A 139 -23.36 -11.39 -12.71
C ASP A 139 -23.62 -10.04 -12.09
N TYR A 140 -24.38 -9.20 -12.80
CA TYR A 140 -24.57 -7.80 -12.43
C TYR A 140 -25.21 -7.60 -11.07
N ASN A 141 -26.36 -8.26 -10.83
CA ASN A 141 -27.11 -7.98 -9.62
C ASN A 141 -26.38 -8.43 -8.37
N GLU A 142 -25.60 -9.52 -8.45
CA GLU A 142 -24.84 -9.96 -7.29
C GLU A 142 -23.79 -8.93 -6.91
N ARG A 143 -23.09 -8.39 -7.91
CA ARG A 143 -22.10 -7.35 -7.71
C ARG A 143 -22.73 -6.07 -7.16
N LEU A 144 -23.89 -5.69 -7.71
CA LEU A 144 -24.62 -4.53 -7.20
C LEU A 144 -25.06 -4.72 -5.75
N TRP A 145 -25.57 -5.91 -5.43
CA TRP A 145 -25.89 -6.24 -4.05
C TRP A 145 -24.68 -6.05 -3.14
N ALA A 146 -23.54 -6.65 -3.50
CA ALA A 146 -22.35 -6.54 -2.67
C ALA A 146 -21.92 -5.09 -2.48
N TRP A 147 -21.79 -4.36 -3.59
CA TRP A 147 -21.32 -2.98 -3.58
C TRP A 147 -22.24 -2.07 -2.78
N GLU A 148 -23.51 -1.99 -3.19
CA GLU A 148 -24.46 -1.12 -2.52
C GLU A 148 -24.63 -1.49 -1.06
N SER A 149 -24.56 -2.78 -0.73
CA SER A 149 -24.60 -3.19 0.66
C SER A 149 -23.45 -2.63 1.47
N TRP A 150 -22.22 -2.85 0.99
CA TRP A 150 -21.06 -2.37 1.75
C TRP A 150 -21.05 -0.86 1.84
N ARG A 151 -21.61 -0.17 0.84
CA ARG A 151 -21.57 1.29 0.85
C ARG A 151 -22.66 1.89 1.74
N SER A 152 -23.88 1.35 1.70
CA SER A 152 -24.98 1.97 2.42
C SER A 152 -25.20 1.41 3.82
N GLU A 153 -24.62 0.25 4.15
CA GLU A 153 -24.73 -0.29 5.50
C GLU A 153 -23.46 -0.17 6.33
N VAL A 154 -22.33 0.16 5.73
CA VAL A 154 -21.09 0.36 6.47
C VAL A 154 -20.53 1.77 6.36
N GLY A 155 -20.75 2.47 5.25
CA GLY A 155 -20.27 3.83 5.12
C GLY A 155 -21.10 4.82 5.89
N LYS A 156 -22.41 4.57 5.97
CA LYS A 156 -23.30 5.40 6.75
C LYS A 156 -23.01 5.34 8.23
N GLN A 157 -22.47 4.21 8.70
CA GLN A 157 -21.97 4.14 10.07
C GLN A 157 -20.80 5.09 10.28
N LEU A 158 -19.90 5.15 9.30
CA LEU A 158 -18.63 5.86 9.49
C LEU A 158 -18.71 7.32 9.06
N ARG A 159 -19.84 7.76 8.52
CA ARG A 159 -19.94 9.17 8.11
C ARG A 159 -19.72 10.13 9.28
N PRO A 160 -20.46 10.01 10.41
CA PRO A 160 -20.23 10.95 11.52
C PRO A 160 -18.85 10.79 12.14
N LEU A 161 -18.42 9.53 12.29
CA LEU A 161 -17.10 9.27 12.84
C LEU A 161 -16.00 9.82 11.96
N TYR A 162 -16.11 9.69 10.64
CA TYR A 162 -15.11 10.30 9.78
C TYR A 162 -15.17 11.82 9.81
N GLU A 163 -16.37 12.41 9.94
CA GLU A 163 -16.44 13.85 10.12
C GLU A 163 -15.68 14.31 11.36
N GLU A 164 -15.93 13.68 12.51
CA GLU A 164 -15.26 14.02 13.75
C GLU A 164 -13.76 13.78 13.64
N TYR A 165 -13.36 12.67 13.03
CA TYR A 165 -11.96 12.34 12.81
C TYR A 165 -11.28 13.42 11.98
N VAL A 166 -11.94 13.85 10.92
CA VAL A 166 -11.37 14.90 10.06
C VAL A 166 -11.16 16.17 10.86
N VAL A 167 -12.17 16.59 11.62
CA VAL A 167 -12.05 17.83 12.37
C VAL A 167 -10.93 17.74 13.41
N LEU A 168 -10.90 16.64 14.18
CA LEU A 168 -9.91 16.52 15.25
C LEU A 168 -8.50 16.42 14.69
N LYS A 169 -8.30 15.60 13.66
CA LYS A 169 -6.96 15.48 13.09
C LYS A 169 -6.50 16.78 12.45
N ASN A 170 -7.41 17.49 11.78
CA ASN A 170 -7.03 18.76 11.18
C ASN A 170 -6.61 19.76 12.24
N GLU A 171 -7.37 19.86 13.34
CA GLU A 171 -7.00 20.82 14.37
C GLU A 171 -5.73 20.40 15.11
N MET A 172 -5.52 19.10 15.32
CA MET A 172 -4.29 18.64 15.94
C MET A 172 -3.07 18.97 15.08
N ALA A 173 -3.19 18.73 13.78
CA ALA A 173 -2.10 19.06 12.87
C ALA A 173 -1.85 20.56 12.81
N ARG A 174 -2.90 21.38 12.82
CA ARG A 174 -2.70 22.82 12.92
C ARG A 174 -2.03 23.21 14.24
N ALA A 175 -2.24 22.44 15.30
CA ALA A 175 -1.50 22.66 16.53
C ALA A 175 -0.03 22.26 16.37
N ASN A 176 0.24 21.25 15.55
CA ASN A 176 1.61 20.79 15.31
C ASN A 176 2.35 21.67 14.30
N HIS A 177 1.83 22.87 14.05
CA HIS A 177 2.40 23.81 13.08
C HIS A 177 2.37 23.24 11.67
N TYR A 178 1.24 22.62 11.31
CA TYR A 178 0.98 22.11 9.98
C TYR A 178 -0.32 22.71 9.47
N GLU A 179 -0.46 22.82 8.15
CA GLU A 179 -1.68 23.36 7.58
C GLU A 179 -2.88 22.45 7.79
N ASP A 180 -2.71 21.13 7.67
CA ASP A 180 -3.77 20.17 7.92
C ASP A 180 -3.16 18.82 8.22
N TYR A 181 -3.96 17.78 8.38
CA TYR A 181 -3.43 16.44 8.60
C TYR A 181 -2.84 15.81 7.35
N GLY A 182 -3.39 16.11 6.17
CA GLY A 182 -2.70 15.79 4.93
C GLY A 182 -1.32 16.42 4.88
N ASP A 183 -1.17 17.59 5.49
CA ASP A 183 0.16 18.19 5.67
C ASP A 183 1.08 17.30 6.50
N TYR A 184 0.56 16.69 7.57
CA TYR A 184 1.39 15.76 8.32
C TYR A 184 1.81 14.58 7.46
N TRP A 185 0.86 14.03 6.70
CA TRP A 185 1.16 12.88 5.84
C TRP A 185 2.21 13.22 4.78
N ARG A 186 2.11 14.41 4.18
CA ARG A 186 3.09 14.82 3.18
C ARG A 186 4.44 15.13 3.82
N GLY A 187 4.43 15.79 4.97
CA GLY A 187 5.66 16.16 5.65
C GLY A 187 6.38 14.97 6.20
N ASP A 188 5.71 13.82 6.22
CA ASP A 188 6.44 12.56 6.42
C ASP A 188 7.54 12.41 5.37
N TYR A 189 7.34 12.94 4.15
CA TYR A 189 8.30 12.87 3.06
C TYR A 189 9.31 14.00 3.05
N GLU A 190 9.54 14.67 4.18
CA GLU A 190 10.42 15.83 4.21
C GLU A 190 11.89 15.42 4.16
N VAL A 191 12.68 16.26 3.47
CA VAL A 191 14.14 16.23 3.56
C VAL A 191 14.61 17.66 3.76
N ASN A 192 15.37 17.91 4.82
CA ASN A 192 15.72 19.25 5.24
C ASN A 192 17.22 19.42 5.39
N GLY A 193 17.77 20.43 4.71
CA GLY A 193 19.13 20.89 4.96
C GLY A 193 20.24 19.90 4.73
N VAL A 194 20.25 19.22 3.59
CA VAL A 194 21.33 18.31 3.24
C VAL A 194 21.88 18.73 1.87
N ASP A 195 22.87 19.63 1.88
CA ASP A 195 23.73 19.99 0.75
C ASP A 195 23.05 19.93 -0.61
N GLY A 196 21.85 20.48 -0.71
CA GLY A 196 21.11 20.48 -1.95
C GLY A 196 20.30 19.23 -2.22
N TYR A 197 19.91 18.48 -1.19
CA TYR A 197 19.07 17.31 -1.37
C TYR A 197 17.68 17.56 -0.82
N ASP A 198 17.41 18.80 -0.42
CA ASP A 198 16.17 19.11 0.28
C ASP A 198 14.95 18.84 -0.61
N TYR A 199 13.84 18.55 0.06
CA TYR A 199 12.59 18.21 -0.63
C TYR A 199 11.43 18.67 0.23
N SER A 200 10.59 19.54 -0.31
CA SER A 200 9.44 20.03 0.42
C SER A 200 8.27 19.06 0.29
N ARG A 201 7.07 19.51 0.66
CA ARG A 201 5.87 18.71 0.50
C ARG A 201 4.98 19.22 -0.63
N GLY A 202 4.90 20.54 -0.82
CA GLY A 202 4.27 21.07 -2.02
C GLY A 202 4.95 20.60 -3.29
N GLN A 203 6.27 20.49 -3.26
CA GLN A 203 6.98 19.85 -4.36
C GLN A 203 6.60 18.39 -4.50
N LEU A 204 6.29 17.70 -3.40
CA LEU A 204 5.84 16.31 -3.48
C LEU A 204 4.48 16.18 -4.16
N ILE A 205 3.51 17.02 -3.77
CA ILE A 205 2.21 16.95 -4.42
C ILE A 205 2.31 17.38 -5.88
N GLU A 206 3.16 18.37 -6.17
CA GLU A 206 3.40 18.75 -7.56
C GLU A 206 4.02 17.59 -8.36
N ASP A 207 4.98 16.87 -7.78
CA ASP A 207 5.58 15.72 -8.46
C ASP A 207 4.56 14.61 -8.69
N VAL A 208 3.71 14.34 -7.70
CA VAL A 208 2.67 13.32 -7.88
C VAL A 208 1.73 13.73 -9.00
N GLU A 209 1.32 15.00 -9.04
CA GLU A 209 0.45 15.48 -10.10
C GLU A 209 1.11 15.33 -11.47
N HIS A 210 2.38 15.72 -11.57
CA HIS A 210 3.12 15.64 -12.83
C HIS A 210 3.21 14.19 -13.31
N THR A 211 3.60 13.28 -12.40
CA THR A 211 3.75 11.88 -12.79
C THR A 211 2.42 11.27 -13.20
N PHE A 212 1.34 11.60 -12.48
CA PHE A 212 0.02 11.09 -12.85
C PHE A 212 -0.39 11.59 -14.23
N GLU A 213 -0.16 12.89 -14.48
CA GLU A 213 -0.53 13.45 -15.77
C GLU A 213 0.26 12.79 -16.90
N GLU A 214 1.53 12.48 -16.64
CA GLU A 214 2.32 11.77 -17.65
C GLU A 214 1.84 10.34 -17.83
N ILE A 215 1.38 9.69 -16.76
CA ILE A 215 0.91 8.30 -16.83
C ILE A 215 -0.37 8.21 -17.64
N LYS A 216 -1.30 9.16 -17.44
CA LYS A 216 -2.70 9.10 -17.85
C LYS A 216 -2.99 8.42 -19.19
N PRO A 217 -2.20 8.65 -20.27
CA PRO A 217 -2.48 7.95 -21.54
C PRO A 217 -2.58 6.43 -21.43
N LEU A 218 -1.63 5.81 -20.75
CA LEU A 218 -1.58 4.35 -20.64
C LEU A 218 -2.80 3.84 -19.89
N TYR A 219 -3.14 4.49 -18.78
CA TYR A 219 -4.31 4.07 -18.03
C TYR A 219 -5.58 4.26 -18.85
N GLU A 220 -5.65 5.34 -19.63
CA GLU A 220 -6.80 5.56 -20.50
C GLU A 220 -6.97 4.44 -21.51
N HIS A 221 -5.87 4.02 -22.13
CA HIS A 221 -5.93 2.93 -23.11
C HIS A 221 -6.33 1.61 -22.45
N LEU A 222 -5.73 1.32 -21.29
CA LEU A 222 -6.11 0.11 -20.57
C LEU A 222 -7.56 0.14 -20.13
N HIS A 223 -8.05 1.30 -19.70
CA HIS A 223 -9.46 1.49 -19.41
C HIS A 223 -10.28 1.11 -20.62
N ALA A 224 -10.06 1.77 -21.76
CA ALA A 224 -10.84 1.49 -22.96
C ALA A 224 -10.87 0.01 -23.29
N TYR A 225 -9.73 -0.66 -23.18
CA TYR A 225 -9.70 -2.10 -23.44
C TYR A 225 -10.58 -2.88 -22.48
N VAL A 226 -10.41 -2.64 -21.18
CA VAL A 226 -11.18 -3.41 -20.21
C VAL A 226 -12.67 -3.08 -20.29
N ARG A 227 -13.01 -1.84 -20.63
CA ARG A 227 -14.42 -1.47 -20.80
C ARG A 227 -15.03 -2.18 -22.00
N ALA A 228 -14.28 -2.27 -23.10
CA ALA A 228 -14.77 -3.02 -24.26
C ALA A 228 -14.99 -4.48 -23.90
N LYS A 229 -14.04 -5.08 -23.17
CA LYS A 229 -14.21 -6.47 -22.76
C LYS A 229 -15.42 -6.66 -21.84
N LEU A 230 -15.61 -5.76 -20.88
CA LEU A 230 -16.76 -5.87 -19.98
C LEU A 230 -18.07 -5.72 -20.74
N MET A 231 -18.15 -4.75 -21.65
CA MET A 231 -19.36 -4.60 -22.45
C MET A 231 -19.60 -5.81 -23.33
N ASN A 232 -18.52 -6.49 -23.75
CA ASN A 232 -18.68 -7.75 -24.46
C ASN A 232 -19.20 -8.85 -23.54
N ALA A 233 -18.83 -8.84 -22.27
CA ALA A 233 -19.29 -9.85 -21.32
C ALA A 233 -20.53 -9.42 -20.54
N TYR A 234 -20.87 -8.13 -20.53
CA TYR A 234 -22.08 -7.63 -19.88
C TYR A 234 -22.90 -6.87 -20.92
N PRO A 235 -23.80 -7.56 -21.61
CA PRO A 235 -24.47 -6.98 -22.78
C PRO A 235 -25.12 -5.62 -22.57
N SER A 236 -26.06 -5.53 -21.62
CA SER A 236 -26.94 -4.37 -21.52
C SER A 236 -26.70 -3.52 -20.27
N TYR A 237 -25.53 -3.62 -19.65
CA TYR A 237 -25.25 -2.85 -18.45
C TYR A 237 -24.11 -1.85 -18.59
N ILE A 238 -23.11 -2.12 -19.44
CA ILE A 238 -22.12 -1.13 -19.79
C ILE A 238 -22.61 -0.42 -21.05
N SER A 239 -23.05 0.81 -20.88
CA SER A 239 -23.46 1.68 -21.97
C SER A 239 -22.25 2.01 -22.86
N PRO A 240 -22.49 2.31 -24.15
CA PRO A 240 -21.43 2.19 -25.16
C PRO A 240 -20.09 2.86 -24.86
N ILE A 241 -20.07 4.18 -24.66
CA ILE A 241 -18.80 4.90 -24.75
C ILE A 241 -18.30 5.40 -23.40
N GLY A 242 -19.20 5.54 -22.43
CA GLY A 242 -18.88 6.14 -21.16
C GLY A 242 -18.22 5.17 -20.19
N CYS A 243 -18.17 5.60 -18.93
CA CYS A 243 -17.59 4.81 -17.86
C CYS A 243 -18.39 3.54 -17.59
N LEU A 244 -17.93 2.73 -16.66
CA LEU A 244 -18.62 1.51 -16.29
C LEU A 244 -18.86 1.49 -14.79
N PRO A 245 -19.87 0.77 -14.28
CA PRO A 245 -20.19 0.85 -12.85
C PRO A 245 -19.05 0.38 -11.96
N ALA A 246 -19.08 0.85 -10.71
CA ALA A 246 -17.99 0.62 -9.77
C ALA A 246 -17.86 -0.83 -9.32
N HIS A 247 -18.94 -1.61 -9.38
CA HIS A 247 -18.88 -2.99 -8.89
C HIS A 247 -18.35 -3.95 -9.94
N LEU A 248 -17.93 -3.45 -11.11
CA LEU A 248 -17.44 -4.29 -12.19
C LEU A 248 -15.93 -4.23 -12.36
N LEU A 249 -15.17 -4.16 -11.26
CA LEU A 249 -13.73 -4.00 -11.31
C LEU A 249 -12.98 -5.16 -10.66
N GLY A 250 -13.66 -6.27 -10.40
CA GLY A 250 -13.00 -7.42 -9.81
C GLY A 250 -12.46 -7.18 -8.42
N ASP A 251 -12.86 -6.09 -7.78
CA ASP A 251 -12.42 -5.76 -6.44
C ASP A 251 -13.53 -4.94 -5.81
N MET A 252 -13.54 -4.89 -4.47
CA MET A 252 -14.66 -4.29 -3.77
C MET A 252 -14.83 -2.82 -4.12
N TRP A 253 -13.76 -2.04 -4.07
CA TRP A 253 -13.84 -0.61 -4.35
C TRP A 253 -13.34 -0.27 -5.74
N GLY A 254 -12.54 -1.14 -6.36
CA GLY A 254 -11.96 -0.84 -7.64
C GLY A 254 -10.51 -0.42 -7.53
N ARG A 255 -9.78 -1.07 -6.63
CA ARG A 255 -8.37 -0.76 -6.37
C ARG A 255 -7.44 -1.63 -7.19
N PHE A 256 -7.77 -2.92 -7.35
CA PHE A 256 -7.01 -3.85 -8.18
C PHE A 256 -7.92 -4.40 -9.28
N TRP A 257 -7.38 -4.45 -10.50
CA TRP A 257 -8.08 -5.03 -11.63
C TRP A 257 -7.52 -6.39 -12.03
N THR A 258 -6.68 -6.99 -11.19
CA THR A 258 -6.06 -8.27 -11.55
C THR A 258 -7.09 -9.37 -11.77
N ASN A 259 -8.17 -9.39 -10.99
CA ASN A 259 -9.21 -10.40 -11.16
C ASN A 259 -9.84 -10.33 -12.54
N LEU A 260 -10.03 -9.12 -13.08
CA LEU A 260 -10.59 -8.93 -14.40
C LEU A 260 -9.75 -9.64 -15.46
N TYR A 261 -8.52 -10.04 -15.10
CA TYR A 261 -7.72 -10.85 -16.01
C TYR A 261 -8.49 -12.06 -16.50
N SER A 262 -9.19 -12.75 -15.59
CA SER A 262 -9.98 -13.92 -15.97
C SER A 262 -10.97 -13.57 -17.07
N LEU A 263 -11.52 -12.36 -17.02
CA LEU A 263 -12.43 -11.91 -18.06
C LEU A 263 -11.70 -11.21 -19.20
N THR A 264 -10.50 -10.66 -18.96
CA THR A 264 -9.84 -9.84 -19.95
C THR A 264 -8.52 -10.41 -20.46
N VAL A 265 -8.35 -11.74 -20.39
CA VAL A 265 -7.15 -12.37 -20.93
C VAL A 265 -7.09 -12.07 -22.42
N PRO A 266 -5.95 -11.59 -22.93
CA PRO A 266 -5.90 -11.19 -24.35
C PRO A 266 -5.80 -12.39 -25.28
N PHE A 267 -5.04 -13.40 -24.87
CA PHE A 267 -4.82 -14.60 -25.66
C PHE A 267 -5.01 -15.81 -24.74
N GLY A 268 -6.25 -16.28 -24.65
CA GLY A 268 -6.57 -17.37 -23.75
C GLY A 268 -6.16 -18.73 -24.26
N GLN A 269 -5.78 -18.84 -25.53
CA GLN A 269 -5.39 -20.10 -26.13
C GLN A 269 -3.96 -20.49 -25.81
N LYS A 270 -3.34 -19.83 -24.85
CA LYS A 270 -1.99 -20.13 -24.39
C LYS A 270 -2.01 -20.62 -22.96
N PRO A 271 -0.97 -21.34 -22.53
CA PRO A 271 -0.91 -21.78 -21.13
C PRO A 271 -0.97 -20.59 -20.17
N ASN A 272 -1.71 -20.79 -19.08
CA ASN A 272 -1.95 -19.71 -18.12
C ASN A 272 -0.68 -19.46 -17.32
N ILE A 273 -0.19 -18.21 -17.35
CA ILE A 273 0.91 -17.81 -16.48
C ILE A 273 0.42 -17.24 -15.15
N ASP A 274 -0.87 -16.93 -15.04
CA ASP A 274 -1.49 -16.63 -13.76
C ASP A 274 -1.82 -17.99 -13.13
N VAL A 275 -0.81 -18.61 -12.54
CA VAL A 275 -0.91 -20.02 -12.15
C VAL A 275 -1.46 -20.18 -10.73
N THR A 276 -2.79 -20.15 -10.61
CA THR A 276 -3.44 -20.62 -9.38
C THR A 276 -3.75 -22.09 -9.48
N ASP A 277 -4.21 -22.53 -10.66
CA ASP A 277 -4.50 -23.94 -10.90
C ASP A 277 -3.23 -24.77 -10.76
N ALA A 278 -2.10 -24.27 -11.26
CA ALA A 278 -0.85 -24.99 -11.12
C ALA A 278 -0.46 -25.14 -9.65
N MET A 279 -0.73 -24.12 -8.83
CA MET A 279 -0.42 -24.21 -7.41
C MET A 279 -1.30 -25.25 -6.72
N VAL A 280 -2.62 -25.18 -6.94
CA VAL A 280 -3.49 -26.11 -6.23
C VAL A 280 -3.26 -27.54 -6.70
N ASP A 281 -2.98 -27.73 -7.99
CA ASP A 281 -2.67 -29.06 -8.50
C ASP A 281 -1.29 -29.54 -8.06
N GLN A 282 -0.43 -28.62 -7.61
CA GLN A 282 0.87 -28.99 -7.05
C GLN A 282 0.82 -29.20 -5.54
N ALA A 283 -0.37 -29.08 -4.94
CA ALA A 283 -0.56 -29.22 -3.49
C ALA A 283 0.33 -28.25 -2.73
N TRP A 284 0.13 -26.97 -3.02
CA TRP A 284 0.88 -25.89 -2.40
C TRP A 284 0.13 -25.34 -1.19
N ASP A 285 0.88 -24.93 -0.17
CA ASP A 285 0.35 -24.32 1.03
C ASP A 285 1.08 -23.02 1.31
N ALA A 286 0.63 -22.33 2.36
CA ALA A 286 1.25 -21.06 2.72
C ALA A 286 2.71 -21.24 3.12
N GLN A 287 3.01 -22.30 3.88
CA GLN A 287 4.37 -22.51 4.36
C GLN A 287 5.35 -22.69 3.23
N ARG A 288 4.98 -23.43 2.18
CA ARG A 288 5.90 -23.63 1.06
C ARG A 288 6.10 -22.33 0.29
N ILE A 289 5.06 -21.51 0.19
CA ILE A 289 5.17 -20.20 -0.44
C ILE A 289 6.19 -19.37 0.30
N PHE A 290 6.05 -19.31 1.64
CA PHE A 290 6.95 -18.50 2.45
C PHE A 290 8.37 -19.04 2.39
N LYS A 291 8.53 -20.36 2.38
CA LYS A 291 9.84 -20.96 2.29
C LYS A 291 10.50 -20.75 0.93
N GLU A 292 9.73 -20.74 -0.15
CA GLU A 292 10.30 -20.40 -1.45
C GLU A 292 10.70 -18.93 -1.50
N ALA A 293 9.95 -18.07 -0.81
CA ALA A 293 10.38 -16.69 -0.64
C ALA A 293 11.73 -16.62 0.06
N GLU A 294 11.88 -17.40 1.14
CA GLU A 294 13.15 -17.45 1.84
C GLU A 294 14.27 -17.97 0.95
N LYS A 295 13.99 -18.99 0.15
CA LYS A 295 14.98 -19.51 -0.79
C LYS A 295 15.39 -18.47 -1.81
N PHE A 296 14.43 -17.70 -2.32
CA PHE A 296 14.73 -16.62 -3.24
C PHE A 296 15.66 -15.59 -2.60
N PHE A 297 15.36 -15.22 -1.35
CA PHE A 297 16.19 -14.23 -0.67
C PHE A 297 17.58 -14.77 -0.35
N VAL A 298 17.68 -16.07 -0.06
CA VAL A 298 19.00 -16.67 0.14
C VAL A 298 19.79 -16.67 -1.17
N SER A 299 19.12 -17.01 -2.27
CA SER A 299 19.79 -17.08 -3.55
C SER A 299 20.22 -15.70 -4.05
N VAL A 300 19.52 -14.65 -3.64
CA VAL A 300 19.92 -13.31 -4.06
C VAL A 300 21.00 -12.80 -3.13
N GLY A 301 21.40 -13.63 -2.17
CA GLY A 301 22.54 -13.38 -1.32
C GLY A 301 22.19 -12.97 0.11
N LEU A 302 20.96 -12.53 0.35
CA LEU A 302 20.56 -12.12 1.68
C LEU A 302 20.47 -13.33 2.61
N PRO A 303 20.76 -13.15 3.89
CA PRO A 303 20.76 -14.27 4.84
C PRO A 303 19.38 -14.86 5.06
N ASN A 304 19.37 -16.12 5.49
CA ASN A 304 18.14 -16.85 5.76
C ASN A 304 17.42 -16.26 6.96
N MET A 305 16.12 -16.54 7.03
CA MET A 305 15.25 -15.89 7.99
C MET A 305 15.46 -16.46 9.38
N THR A 306 14.97 -15.73 10.39
CA THR A 306 15.15 -16.10 11.78
C THR A 306 14.19 -17.24 12.16
N GLN A 307 14.61 -18.07 13.12
CA GLN A 307 13.76 -19.15 13.58
C GLN A 307 12.52 -18.61 14.30
N GLY A 308 12.68 -17.52 15.04
CA GLY A 308 11.55 -16.87 15.67
C GLY A 308 10.52 -16.38 14.69
N PHE A 309 10.95 -15.99 13.49
CA PHE A 309 10.00 -15.63 12.44
C PHE A 309 9.10 -16.81 12.08
N TRP A 310 9.70 -17.99 11.93
CA TRP A 310 8.90 -19.19 11.67
C TRP A 310 8.00 -19.52 12.85
N GLU A 311 8.49 -19.35 14.07
CA GLU A 311 7.73 -19.76 15.25
C GLU A 311 6.55 -18.85 15.54
N ASN A 312 6.71 -17.53 15.40
CA ASN A 312 5.74 -16.58 15.91
C ASN A 312 4.90 -15.88 14.85
N SER A 313 5.07 -16.20 13.57
CA SER A 313 4.31 -15.51 12.54
C SER A 313 2.92 -16.11 12.39
N MET A 314 1.95 -15.25 12.08
CA MET A 314 0.59 -15.66 11.74
C MET A 314 0.55 -15.81 10.23
N LEU A 315 0.96 -16.98 9.76
CA LEU A 315 1.16 -17.22 8.33
C LEU A 315 -0.12 -17.60 7.61
N THR A 316 -1.19 -17.91 8.34
CA THR A 316 -2.48 -18.25 7.76
C THR A 316 -3.58 -17.57 8.55
N ASP A 317 -4.80 -17.67 8.04
CA ASP A 317 -5.94 -17.12 8.76
C ASP A 317 -6.11 -17.88 10.08
N PRO A 318 -6.16 -17.18 11.21
CA PRO A 318 -6.33 -17.87 12.50
C PRO A 318 -7.65 -18.62 12.59
N GLY A 319 -8.64 -18.19 11.80
CA GLY A 319 -9.94 -18.80 11.82
C GLY A 319 -11.05 -17.79 12.03
N ASN A 320 -12.29 -18.22 11.86
CA ASN A 320 -13.44 -17.35 12.07
C ASN A 320 -13.86 -17.25 13.53
N VAL A 321 -13.25 -18.04 14.42
CA VAL A 321 -13.58 -17.94 15.83
C VAL A 321 -13.10 -16.63 16.42
N GLN A 322 -11.98 -16.11 15.93
CA GLN A 322 -11.46 -14.81 16.35
C GLN A 322 -11.30 -13.93 15.11
N LYS A 323 -11.68 -12.67 15.24
CA LYS A 323 -11.74 -11.76 14.09
C LYS A 323 -10.47 -10.93 14.06
N ALA A 324 -9.42 -11.47 13.44
CA ALA A 324 -8.16 -10.77 13.29
C ALA A 324 -8.17 -9.99 11.99
N VAL A 325 -7.59 -8.78 12.02
CA VAL A 325 -7.53 -7.96 10.81
C VAL A 325 -6.67 -8.68 9.77
N CYS A 326 -7.31 -9.11 8.68
CA CYS A 326 -6.65 -9.92 7.67
C CYS A 326 -5.98 -9.13 6.57
N HIS A 327 -6.00 -7.80 6.62
CA HIS A 327 -5.22 -7.04 5.65
C HIS A 327 -3.76 -7.35 5.91
N PRO A 328 -3.02 -7.84 4.91
CA PRO A 328 -1.65 -8.28 5.15
C PRO A 328 -0.77 -7.17 5.71
N THR A 329 0.09 -7.54 6.64
CA THR A 329 0.92 -6.55 7.32
C THR A 329 2.27 -7.18 7.66
N ALA A 330 3.27 -6.33 7.88
CA ALA A 330 4.61 -6.74 8.27
C ALA A 330 5.01 -5.94 9.49
N TRP A 331 5.51 -6.63 10.52
CA TRP A 331 5.75 -6.00 11.81
C TRP A 331 7.19 -6.19 12.26
N ASP A 332 7.78 -5.07 12.69
CA ASP A 332 8.89 -5.04 13.62
C ASP A 332 8.32 -4.95 15.03
N LEU A 333 8.77 -5.83 15.91
CA LEU A 333 8.45 -5.67 17.32
C LEU A 333 9.68 -5.39 18.17
N GLY A 334 10.84 -5.21 17.54
CA GLY A 334 12.05 -4.85 18.26
C GLY A 334 12.77 -6.03 18.87
N LYS A 335 14.01 -5.81 19.28
CA LYS A 335 14.92 -6.73 19.96
C LYS A 335 15.36 -7.89 19.07
N GLY A 336 14.95 -7.94 17.80
CA GLY A 336 15.37 -8.98 16.90
C GLY A 336 14.30 -9.97 16.46
N ASP A 337 13.03 -9.70 16.75
CA ASP A 337 11.93 -10.56 16.31
C ASP A 337 11.11 -9.83 15.24
N PHE A 338 10.61 -10.59 14.27
CA PHE A 338 9.95 -10.05 13.09
C PHE A 338 8.73 -10.88 12.77
N ARG A 339 7.65 -10.26 12.31
CA ARG A 339 6.41 -10.98 12.09
C ARG A 339 5.76 -10.59 10.77
N ILE A 340 4.97 -11.52 10.23
CA ILE A 340 4.13 -11.28 9.07
C ILE A 340 2.71 -11.70 9.41
N LEU A 341 1.75 -10.80 9.17
CA LEU A 341 0.33 -11.10 9.32
C LEU A 341 -0.22 -11.33 7.92
N MET A 342 -0.37 -12.59 7.54
CA MET A 342 -0.83 -12.99 6.21
C MET A 342 -1.93 -14.03 6.35
N CYS A 343 -3.13 -13.69 5.89
CA CYS A 343 -4.20 -14.68 5.73
C CYS A 343 -4.08 -15.30 4.34
N THR A 344 -3.05 -16.13 4.20
CA THR A 344 -2.55 -16.56 2.90
C THR A 344 -3.50 -17.56 2.25
N LYS A 345 -3.95 -17.23 1.04
CA LYS A 345 -4.63 -18.19 0.18
C LYS A 345 -3.68 -18.65 -0.93
N VAL A 346 -4.14 -19.63 -1.71
CA VAL A 346 -3.35 -20.18 -2.80
C VAL A 346 -3.75 -19.40 -4.06
N THR A 347 -3.07 -18.29 -4.30
CA THR A 347 -3.43 -17.39 -5.40
C THR A 347 -2.23 -16.48 -5.68
N MET A 348 -2.06 -16.13 -6.97
CA MET A 348 -1.00 -15.21 -7.37
C MET A 348 -0.99 -13.92 -6.55
N ASP A 349 -2.17 -13.36 -6.27
CA ASP A 349 -2.21 -12.16 -5.44
C ASP A 349 -1.62 -12.41 -4.06
N ASP A 350 -1.96 -13.51 -3.40
CA ASP A 350 -1.37 -13.86 -2.11
C ASP A 350 0.08 -14.29 -2.20
N PHE A 351 0.50 -14.94 -3.28
CA PHE A 351 1.91 -15.26 -3.46
C PHE A 351 2.76 -14.00 -3.56
N LEU A 352 2.34 -13.05 -4.41
CA LEU A 352 3.01 -11.77 -4.53
C LEU A 352 2.95 -10.96 -3.24
N THR A 353 1.82 -11.01 -2.53
CA THR A 353 1.74 -10.33 -1.24
C THR A 353 2.70 -10.94 -0.22
N ALA A 354 2.83 -12.28 -0.21
CA ALA A 354 3.79 -12.91 0.69
C ALA A 354 5.21 -12.49 0.36
N HIS A 355 5.55 -12.40 -0.93
CA HIS A 355 6.87 -11.90 -1.30
C HIS A 355 7.06 -10.45 -0.87
N HIS A 356 6.02 -9.64 -1.00
CA HIS A 356 6.04 -8.25 -0.54
C HIS A 356 6.34 -8.16 0.96
N GLU A 357 5.64 -8.96 1.75
CA GLU A 357 5.83 -8.92 3.20
C GLU A 357 7.19 -9.49 3.59
N MET A 358 7.68 -10.51 2.89
CA MET A 358 9.03 -10.99 3.16
C MET A 358 10.09 -9.97 2.80
N GLY A 359 9.89 -9.18 1.74
CA GLY A 359 10.77 -8.07 1.47
C GLY A 359 10.73 -7.04 2.58
N HIS A 360 9.53 -6.76 3.10
CA HIS A 360 9.41 -5.91 4.28
C HIS A 360 10.25 -6.43 5.43
N ILE A 361 10.16 -7.73 5.71
CA ILE A 361 10.90 -8.31 6.83
C ILE A 361 12.40 -8.22 6.60
N GLN A 362 12.85 -8.46 5.37
CA GLN A 362 14.28 -8.36 5.10
C GLN A 362 14.77 -6.92 5.27
N TYR A 363 13.98 -5.95 4.79
CA TYR A 363 14.28 -4.54 5.03
C TYR A 363 14.39 -4.28 6.53
N ASP A 364 13.45 -4.81 7.30
CA ASP A 364 13.47 -4.63 8.75
C ASP A 364 14.70 -5.26 9.40
N MET A 365 15.11 -6.43 8.91
CA MET A 365 16.24 -7.16 9.47
C MET A 365 17.58 -6.53 9.16
N ALA A 366 17.71 -5.87 8.02
CA ALA A 366 19.01 -5.30 7.64
C ALA A 366 19.41 -4.09 8.46
N TYR A 367 18.50 -3.17 8.73
CA TYR A 367 18.83 -1.97 9.49
C TYR A 367 18.61 -2.12 10.99
N ALA A 368 18.39 -3.34 11.48
CA ALA A 368 18.19 -3.54 12.91
C ALA A 368 19.43 -3.17 13.73
N ALA A 369 20.61 -3.14 13.10
CA ALA A 369 21.82 -2.75 13.82
C ALA A 369 21.91 -1.26 14.06
N GLN A 370 21.07 -0.46 13.42
CA GLN A 370 21.08 0.99 13.54
C GLN A 370 20.45 1.44 14.85
N PRO A 371 20.70 2.68 15.28
CA PRO A 371 20.03 3.20 16.49
C PRO A 371 18.53 3.33 16.31
N PHE A 372 17.81 3.41 17.42
CA PHE A 372 16.36 3.22 17.42
C PHE A 372 15.62 4.20 16.52
N LEU A 373 15.93 5.49 16.62
CA LEU A 373 15.20 6.49 15.84
C LEU A 373 15.40 6.33 14.34
N LEU A 374 16.49 5.72 13.91
CA LEU A 374 16.70 5.42 12.50
C LEU A 374 16.42 3.95 12.17
N ARG A 375 15.83 3.20 13.09
CA ARG A 375 15.46 1.82 12.83
C ARG A 375 14.15 1.78 12.05
N ASN A 376 14.09 2.53 10.96
CA ASN A 376 12.91 2.61 10.12
C ASN A 376 13.37 2.89 8.70
N GLY A 377 12.66 2.33 7.72
CA GLY A 377 13.03 2.53 6.34
C GLY A 377 13.02 4.00 5.94
N ALA A 378 13.78 4.32 4.89
CA ALA A 378 13.93 5.69 4.44
C ALA A 378 12.57 6.31 4.12
N ASN A 379 11.62 5.46 3.73
CA ASN A 379 10.24 5.88 3.52
C ASN A 379 9.32 4.67 3.52
N GLU A 380 8.02 4.90 3.67
CA GLU A 380 7.05 3.84 3.41
C GLU A 380 7.17 3.37 1.97
N GLY A 381 7.38 4.32 1.06
CA GLY A 381 7.59 4.03 -0.33
C GLY A 381 8.75 3.09 -0.55
N PHE A 382 9.83 3.25 0.20
CA PHE A 382 10.98 2.35 0.06
C PHE A 382 10.69 0.94 0.56
N HIS A 383 10.01 0.79 1.70
CA HIS A 383 9.61 -0.53 2.16
C HIS A 383 8.76 -1.24 1.11
N GLU A 384 7.69 -0.58 0.66
CA GLU A 384 6.81 -1.21 -0.31
C GLU A 384 7.52 -1.43 -1.64
N ALA A 385 8.44 -0.53 -1.99
CA ALA A 385 9.21 -0.68 -3.21
C ALA A 385 10.06 -1.94 -3.16
N VAL A 386 10.74 -2.18 -2.04
CA VAL A 386 11.54 -3.40 -1.92
C VAL A 386 10.65 -4.63 -2.03
N GLY A 387 9.51 -4.61 -1.33
CA GLY A 387 8.60 -5.74 -1.41
C GLY A 387 8.17 -6.06 -2.83
N GLU A 388 7.81 -5.02 -3.60
CA GLU A 388 7.36 -5.29 -4.95
C GLU A 388 8.49 -5.45 -5.96
N ILE A 389 9.73 -5.04 -5.64
CA ILE A 389 10.87 -5.51 -6.41
C ILE A 389 10.95 -7.02 -6.33
N MET A 390 10.83 -7.55 -5.11
CA MET A 390 10.85 -8.99 -4.95
C MET A 390 9.69 -9.65 -5.69
N SER A 391 8.50 -9.05 -5.57
CA SER A 391 7.31 -9.58 -6.25
C SER A 391 7.49 -9.61 -7.77
N LEU A 392 7.96 -8.51 -8.36
CA LEU A 392 8.18 -8.47 -9.80
C LEU A 392 9.25 -9.45 -10.25
N SER A 393 10.34 -9.57 -9.49
CA SER A 393 11.38 -10.53 -9.85
C SER A 393 10.88 -11.97 -9.75
N ALA A 394 9.88 -12.21 -8.91
CA ALA A 394 9.33 -13.57 -8.79
C ALA A 394 8.49 -13.94 -9.99
N ALA A 395 7.67 -13.01 -10.49
CA ALA A 395 6.60 -13.34 -11.42
C ALA A 395 7.08 -13.72 -12.81
N THR A 396 8.37 -13.60 -13.10
CA THR A 396 8.86 -13.92 -14.44
C THR A 396 8.65 -15.39 -14.76
N PRO A 397 8.26 -15.73 -16.00
CA PRO A 397 8.08 -17.14 -16.36
C PRO A 397 9.33 -17.97 -16.14
N LYS A 398 10.51 -17.36 -16.34
CA LYS A 398 11.76 -18.06 -16.12
C LYS A 398 11.90 -18.52 -14.68
N HIS A 399 11.56 -17.64 -13.74
CA HIS A 399 11.58 -18.00 -12.33
C HIS A 399 10.59 -19.11 -12.04
N LEU A 400 9.38 -19.02 -12.61
CA LEU A 400 8.36 -20.03 -12.40
C LEU A 400 8.85 -21.39 -12.89
N LYS A 401 9.57 -21.40 -14.01
CA LYS A 401 10.17 -22.63 -14.50
C LYS A 401 11.36 -23.06 -13.66
N SER A 402 11.98 -22.14 -12.91
CA SER A 402 13.14 -22.50 -12.10
C SER A 402 12.78 -23.51 -11.02
N ILE A 403 11.65 -23.30 -10.34
CA ILE A 403 11.23 -24.23 -9.29
C ILE A 403 10.53 -25.41 -9.95
N GLY A 404 10.28 -25.31 -11.25
CA GLY A 404 9.60 -26.37 -11.97
C GLY A 404 8.10 -26.33 -11.76
N LEU A 405 7.61 -25.27 -11.12
CA LEU A 405 6.18 -25.07 -10.97
C LEU A 405 5.48 -24.80 -12.30
N LEU A 406 6.16 -24.14 -13.23
CA LEU A 406 5.73 -24.05 -14.61
C LEU A 406 6.44 -25.14 -15.38
N SER A 407 5.72 -25.80 -16.30
CA SER A 407 6.24 -26.93 -17.05
C SER A 407 7.56 -26.58 -17.71
N PRO A 408 8.59 -27.44 -17.58
CA PRO A 408 9.91 -27.11 -18.16
C PRO A 408 9.89 -27.00 -19.67
N ASP A 409 8.89 -27.55 -20.35
CA ASP A 409 8.80 -27.42 -21.79
C ASP A 409 7.98 -26.22 -22.23
N PHE A 410 7.56 -25.37 -21.29
CA PHE A 410 6.77 -24.20 -21.63
C PHE A 410 7.55 -23.28 -22.57
N GLN A 411 6.86 -22.77 -23.58
CA GLN A 411 7.46 -21.95 -24.61
C GLN A 411 7.15 -20.47 -24.34
N GLU A 412 8.17 -19.63 -24.43
CA GLU A 412 8.05 -18.20 -24.20
C GLU A 412 7.88 -17.51 -25.55
N ASP A 413 6.67 -17.02 -25.81
CA ASP A 413 6.38 -16.39 -27.09
C ASP A 413 5.87 -14.96 -26.88
N ASN A 414 5.47 -14.30 -27.97
CA ASN A 414 4.95 -12.94 -27.93
C ASN A 414 3.66 -12.85 -27.11
N GLU A 415 2.74 -13.80 -27.32
CA GLU A 415 1.49 -13.81 -26.58
C GLU A 415 1.71 -14.01 -25.08
N THR A 416 2.71 -14.79 -24.69
CA THR A 416 3.02 -14.92 -23.26
C THR A 416 3.47 -13.59 -22.67
N GLU A 417 4.32 -12.85 -23.38
CA GLU A 417 4.74 -11.53 -22.91
C GLU A 417 3.55 -10.59 -22.81
N ILE A 418 2.66 -10.63 -23.80
CA ILE A 418 1.46 -9.80 -23.75
C ILE A 418 0.58 -10.16 -22.55
N ASN A 419 0.41 -11.45 -22.27
CA ASN A 419 -0.39 -11.88 -21.12
C ASN A 419 0.23 -11.38 -19.81
N PHE A 420 1.53 -11.60 -19.63
CA PHE A 420 2.26 -11.15 -18.45
C PHE A 420 2.08 -9.65 -18.27
N LEU A 421 2.37 -8.89 -19.32
CA LEU A 421 2.29 -7.45 -19.23
C LEU A 421 0.88 -6.95 -18.99
N LEU A 422 -0.14 -7.58 -19.58
CA LEU A 422 -1.50 -7.13 -19.34
C LEU A 422 -1.90 -7.37 -17.90
N LYS A 423 -1.50 -8.50 -17.33
CA LYS A 423 -1.78 -8.74 -15.91
C LYS A 423 -1.08 -7.70 -15.03
N GLN A 424 0.20 -7.44 -15.30
CA GLN A 424 0.95 -6.48 -14.50
C GLN A 424 0.36 -5.08 -14.64
N ALA A 425 -0.03 -4.70 -15.85
CA ALA A 425 -0.66 -3.41 -16.09
C ALA A 425 -2.00 -3.31 -15.38
N LEU A 426 -2.86 -4.33 -15.50
CA LEU A 426 -4.08 -4.35 -14.72
C LEU A 426 -3.79 -3.98 -13.27
N THR A 427 -2.93 -4.75 -12.61
CA THR A 427 -2.63 -4.49 -11.20
C THR A 427 -2.14 -3.06 -10.98
N ILE A 428 -0.97 -2.72 -11.54
CA ILE A 428 -0.28 -1.48 -11.17
C ILE A 428 -1.03 -0.26 -11.67
N VAL A 429 -1.43 -0.26 -12.96
CA VAL A 429 -2.10 0.87 -13.56
C VAL A 429 -3.57 0.93 -13.19
N GLY A 430 -4.09 -0.05 -12.44
CA GLY A 430 -5.35 0.16 -11.79
C GLY A 430 -5.21 0.73 -10.40
N THR A 431 -4.15 0.38 -9.68
CA THR A 431 -3.91 1.04 -8.40
C THR A 431 -3.60 2.53 -8.58
N LEU A 432 -2.70 2.87 -9.52
CA LEU A 432 -2.17 4.24 -9.59
C LEU A 432 -3.26 5.32 -9.59
N PRO A 433 -4.16 5.36 -10.58
CA PRO A 433 -5.17 6.44 -10.59
C PRO A 433 -6.08 6.40 -9.37
N PHE A 434 -6.42 5.22 -8.87
CA PHE A 434 -7.30 5.13 -7.71
C PHE A 434 -6.64 5.74 -6.48
N THR A 435 -5.39 5.38 -6.21
CA THR A 435 -4.65 5.97 -5.10
C THR A 435 -4.47 7.47 -5.25
N TYR A 436 -4.11 7.93 -6.45
CA TYR A 436 -3.95 9.36 -6.66
C TYR A 436 -5.25 10.11 -6.39
N MET A 437 -6.37 9.60 -6.92
CA MET A 437 -7.65 10.25 -6.72
C MET A 437 -8.06 10.23 -5.24
N LEU A 438 -7.87 9.08 -4.58
CA LEU A 438 -8.28 8.96 -3.19
C LEU A 438 -7.51 9.91 -2.29
N GLU A 439 -6.18 9.96 -2.42
CA GLU A 439 -5.46 10.90 -1.58
C GLU A 439 -5.61 12.34 -2.02
N LYS A 440 -5.94 12.60 -3.29
CA LYS A 440 -6.32 13.96 -3.64
C LYS A 440 -7.57 14.38 -2.87
N TRP A 441 -8.56 13.49 -2.82
CA TRP A 441 -9.78 13.78 -2.09
C TRP A 441 -9.48 14.00 -0.61
N ARG A 442 -8.66 13.13 -0.02
CA ARG A 442 -8.34 13.25 1.40
C ARG A 442 -7.56 14.53 1.69
N TRP A 443 -6.58 14.85 0.85
CA TRP A 443 -5.79 16.07 1.02
C TRP A 443 -6.66 17.31 0.97
N MET A 444 -7.46 17.43 -0.10
CA MET A 444 -8.27 18.62 -0.29
C MET A 444 -9.47 18.68 0.65
N VAL A 445 -9.88 17.56 1.25
CA VAL A 445 -10.94 17.61 2.25
C VAL A 445 -10.36 17.97 3.62
N PHE A 446 -9.13 17.55 3.89
CA PHE A 446 -8.46 17.97 5.13
C PHE A 446 -8.13 19.45 5.09
N LYS A 447 -7.70 19.95 3.93
CA LYS A 447 -7.38 21.36 3.79
C LYS A 447 -8.63 22.20 3.92
N GLY A 448 -9.79 21.61 3.62
CA GLY A 448 -11.06 22.26 3.85
C GLY A 448 -11.69 22.92 2.65
N GLU A 449 -11.38 22.49 1.44
CA GLU A 449 -11.91 23.12 0.24
C GLU A 449 -13.34 22.68 -0.08
N ILE A 450 -13.89 21.72 0.65
CA ILE A 450 -15.18 21.12 0.33
C ILE A 450 -16.11 21.30 1.53
N PRO A 451 -17.29 21.89 1.33
CA PRO A 451 -18.31 21.87 2.39
C PRO A 451 -18.66 20.44 2.76
N LYS A 452 -18.99 20.24 4.04
CA LYS A 452 -19.07 18.89 4.61
C LYS A 452 -20.02 17.97 3.86
N ASP A 453 -21.28 18.38 3.68
CA ASP A 453 -22.20 17.54 2.92
C ASP A 453 -21.68 17.33 1.49
N GLN A 454 -21.31 18.43 0.83
CA GLN A 454 -20.77 18.37 -0.52
C GLN A 454 -19.67 17.33 -0.65
N TRP A 455 -19.07 16.91 0.47
CA TRP A 455 -18.07 15.84 0.47
C TRP A 455 -18.47 14.78 -0.55
N MET A 456 -19.64 14.17 -0.32
CA MET A 456 -19.99 13.02 -1.14
C MET A 456 -20.03 13.39 -2.62
N LYS A 457 -20.75 14.46 -2.94
CA LYS A 457 -20.91 14.82 -4.34
C LYS A 457 -19.52 14.94 -4.94
N LYS A 458 -18.67 15.74 -4.30
CA LYS A 458 -17.35 16.00 -4.85
C LYS A 458 -16.63 14.69 -5.09
N TRP A 459 -16.64 13.81 -4.09
CA TRP A 459 -15.92 12.54 -4.21
C TRP A 459 -16.30 11.83 -5.49
N TRP A 460 -17.59 11.58 -5.70
CA TRP A 460 -17.97 10.78 -6.86
C TRP A 460 -17.54 11.49 -8.14
N GLU A 461 -17.73 12.80 -8.19
CA GLU A 461 -17.40 13.54 -9.40
C GLU A 461 -15.96 13.28 -9.80
N MET A 462 -15.04 13.35 -8.83
CA MET A 462 -13.64 13.20 -9.21
C MET A 462 -13.35 11.80 -9.73
N LYS A 463 -13.97 10.77 -9.14
CA LYS A 463 -13.80 9.44 -9.71
C LYS A 463 -14.22 9.45 -11.17
N ARG A 464 -15.38 10.02 -11.44
CA ARG A 464 -15.92 10.04 -12.80
C ARG A 464 -14.96 10.74 -13.76
N GLU A 465 -14.09 11.61 -13.24
CA GLU A 465 -13.14 12.32 -14.08
C GLU A 465 -11.69 11.88 -13.89
N ILE A 466 -11.39 11.03 -12.92
CA ILE A 466 -10.02 10.57 -12.70
C ILE A 466 -9.90 9.06 -12.85
N VAL A 467 -10.70 8.30 -12.11
CA VAL A 467 -10.67 6.86 -12.22
C VAL A 467 -11.59 6.35 -13.33
N GLY A 468 -12.46 7.19 -13.86
CA GLY A 468 -13.37 6.77 -14.91
C GLY A 468 -14.29 5.67 -14.43
N VAL A 469 -14.81 5.81 -13.22
CA VAL A 469 -15.64 4.79 -12.60
C VAL A 469 -16.81 5.50 -11.93
N VAL A 470 -18.02 5.00 -12.16
CA VAL A 470 -19.23 5.64 -11.68
C VAL A 470 -20.04 4.67 -10.85
N GLU A 471 -21.08 5.22 -10.20
CA GLU A 471 -22.06 4.52 -9.39
C GLU A 471 -23.36 4.32 -10.17
N PRO A 472 -24.04 3.20 -9.96
CA PRO A 472 -25.33 2.97 -10.61
C PRO A 472 -26.54 3.41 -9.80
N VAL A 473 -26.36 3.74 -8.53
CA VAL A 473 -27.46 4.13 -7.65
C VAL A 473 -27.08 5.43 -6.95
N PRO A 474 -27.98 6.40 -6.84
CA PRO A 474 -27.62 7.68 -6.23
C PRO A 474 -27.12 7.52 -4.80
N HIS A 475 -26.10 8.30 -4.46
CA HIS A 475 -25.57 8.35 -3.10
C HIS A 475 -25.48 9.82 -2.69
N ASP A 476 -26.42 10.25 -1.85
CA ASP A 476 -26.45 11.62 -1.38
C ASP A 476 -25.41 11.82 -0.28
N GLU A 477 -25.51 12.98 0.40
CA GLU A 477 -24.46 13.40 1.31
C GLU A 477 -24.41 12.57 2.60
N THR A 478 -25.44 11.77 2.89
CA THR A 478 -25.48 10.99 4.12
C THR A 478 -24.61 9.74 4.08
N TYR A 479 -24.12 9.35 2.91
CA TYR A 479 -23.22 8.21 2.82
C TYR A 479 -21.78 8.65 3.08
N CYS A 480 -20.92 7.67 3.32
CA CYS A 480 -19.47 7.90 3.42
C CYS A 480 -18.78 6.73 2.72
N ASP A 481 -18.58 6.86 1.41
CA ASP A 481 -18.02 5.80 0.58
C ASP A 481 -16.50 5.67 0.74
N PRO A 482 -15.74 6.79 0.88
CA PRO A 482 -14.30 6.64 1.10
C PRO A 482 -13.93 5.76 2.29
N ALA A 483 -14.70 5.83 3.38
CA ALA A 483 -14.39 5.09 4.58
C ALA A 483 -14.51 3.59 4.37
N SER A 484 -15.18 3.18 3.29
CA SER A 484 -15.32 1.77 2.98
C SER A 484 -13.99 1.09 2.69
N LEU A 485 -12.93 1.86 2.43
CA LEU A 485 -11.61 1.30 2.22
C LEU A 485 -10.90 1.13 3.56
N PHE A 486 -9.98 0.16 3.60
CA PHE A 486 -9.20 -0.14 4.79
C PHE A 486 -8.35 1.06 5.23
N HIS A 487 -7.46 1.51 4.35
CA HIS A 487 -6.51 2.56 4.70
C HIS A 487 -7.20 3.86 5.08
N VAL A 488 -8.34 4.17 4.47
CA VAL A 488 -9.06 5.38 4.83
C VAL A 488 -9.62 5.28 6.25
N SER A 489 -10.10 4.10 6.63
CA SER A 489 -10.72 3.90 7.94
C SER A 489 -9.73 3.46 9.01
N ASN A 490 -8.44 3.36 8.68
CA ASN A 490 -7.43 2.95 9.64
C ASN A 490 -6.31 3.99 9.75
N ASP A 491 -6.57 5.21 9.29
CA ASP A 491 -5.63 6.33 9.41
C ASP A 491 -4.29 5.97 8.77
N TYR A 492 -4.33 5.65 7.48
CA TYR A 492 -3.15 5.35 6.69
C TYR A 492 -3.00 6.36 5.57
N SER A 493 -1.83 6.35 4.94
CA SER A 493 -1.57 7.18 3.77
C SER A 493 -1.52 6.30 2.53
N PHE A 494 -2.17 6.77 1.46
CA PHE A 494 -2.38 5.94 0.28
C PHE A 494 -1.44 6.31 -0.87
N ILE A 495 -0.91 7.54 -0.91
CA ILE A 495 0.09 7.91 -1.90
C ILE A 495 1.35 7.10 -1.73
N ARG A 496 1.50 6.47 -0.58
CA ARG A 496 2.57 5.53 -0.29
C ARG A 496 2.68 4.48 -1.39
N TYR A 497 1.54 4.01 -1.88
CA TYR A 497 1.51 2.97 -2.91
C TYR A 497 1.87 3.50 -4.30
N TYR A 498 1.50 4.75 -4.60
CA TYR A 498 1.95 5.37 -5.84
C TYR A 498 3.48 5.49 -5.87
N THR A 499 4.04 6.02 -4.78
CA THR A 499 5.49 6.10 -4.66
C THR A 499 6.11 4.71 -4.67
N ARG A 500 5.41 3.73 -4.11
CA ARG A 500 5.83 2.34 -4.15
C ARG A 500 6.04 1.88 -5.58
N THR A 501 5.03 2.08 -6.42
CA THR A 501 5.14 1.65 -7.81
C THR A 501 6.32 2.32 -8.49
N LEU A 502 6.41 3.65 -8.38
CA LEU A 502 7.48 4.35 -9.10
C LEU A 502 8.87 3.94 -8.60
N TYR A 503 9.05 3.91 -7.28
CA TYR A 503 10.32 3.52 -6.68
C TYR A 503 10.71 2.10 -7.04
N GLN A 504 9.75 1.17 -6.97
CA GLN A 504 10.06 -0.21 -7.31
C GLN A 504 10.47 -0.35 -8.76
N PHE A 505 9.87 0.43 -9.66
CA PHE A 505 10.29 0.32 -11.06
C PHE A 505 11.67 0.92 -11.29
N GLN A 506 11.99 2.06 -10.68
CA GLN A 506 13.34 2.59 -10.79
C GLN A 506 14.36 1.61 -10.22
N PHE A 507 14.06 1.05 -9.05
CA PHE A 507 14.99 0.11 -8.41
C PHE A 507 15.17 -1.14 -9.26
N GLN A 508 14.09 -1.66 -9.83
CA GLN A 508 14.23 -2.83 -10.69
C GLN A 508 15.08 -2.53 -11.91
N GLU A 509 14.87 -1.37 -12.54
CA GLU A 509 15.70 -1.00 -13.68
C GLU A 509 17.17 -0.94 -13.30
N ALA A 510 17.48 -0.19 -12.23
CA ALA A 510 18.87 -0.01 -11.84
C ALA A 510 19.51 -1.33 -11.39
N LEU A 511 18.77 -2.14 -10.65
CA LEU A 511 19.25 -3.41 -10.13
C LEU A 511 19.44 -4.45 -11.21
N CYS A 512 18.61 -4.44 -12.25
CA CYS A 512 18.82 -5.33 -13.39
C CYS A 512 20.01 -4.87 -14.22
N GLN A 513 20.21 -3.55 -14.33
CA GLN A 513 21.42 -3.05 -14.98
C GLN A 513 22.65 -3.50 -14.21
N ALA A 514 22.58 -3.44 -12.88
CA ALA A 514 23.68 -3.95 -12.05
C ALA A 514 23.88 -5.44 -12.23
N ALA A 515 22.80 -6.20 -12.33
CA ALA A 515 22.87 -7.64 -12.53
C ALA A 515 23.32 -8.02 -13.94
N LYS A 516 23.46 -7.05 -14.84
CA LYS A 516 23.90 -7.27 -16.22
C LYS A 516 22.97 -8.24 -16.94
N HIS A 517 21.68 -8.14 -16.66
CA HIS A 517 20.69 -8.94 -17.39
C HIS A 517 20.64 -8.50 -18.85
N GLU A 518 20.71 -9.47 -19.76
CA GLU A 518 20.72 -9.21 -21.19
C GLU A 518 19.33 -9.46 -21.74
N GLY A 519 18.69 -8.41 -22.25
CA GLY A 519 17.36 -8.50 -22.79
C GLY A 519 16.44 -7.44 -22.24
N PRO A 520 15.15 -7.53 -22.57
CA PRO A 520 14.20 -6.55 -22.06
C PRO A 520 14.02 -6.66 -20.55
N LEU A 521 13.65 -5.53 -19.94
CA LEU A 521 13.59 -5.46 -18.48
C LEU A 521 12.48 -6.33 -17.93
N HIS A 522 11.37 -6.46 -18.65
CA HIS A 522 10.19 -7.11 -18.10
C HIS A 522 10.35 -8.62 -17.95
N LYS A 523 11.42 -9.22 -18.46
CA LYS A 523 11.74 -10.62 -18.18
C LYS A 523 12.98 -10.75 -17.30
N CYS A 524 13.44 -9.65 -16.71
CA CYS A 524 14.63 -9.70 -15.88
C CYS A 524 14.33 -10.32 -14.53
N ASP A 525 15.17 -11.28 -14.13
CA ASP A 525 15.08 -11.92 -12.81
C ASP A 525 16.41 -11.72 -12.12
N ILE A 526 16.38 -11.10 -10.94
CA ILE A 526 17.59 -10.75 -10.21
C ILE A 526 17.95 -11.87 -9.24
N SER A 527 17.32 -13.03 -9.39
CA SER A 527 17.67 -14.19 -8.58
C SER A 527 19.04 -14.74 -9.02
N ASN A 528 19.71 -15.40 -8.09
CA ASN A 528 21.04 -15.97 -8.32
C ASN A 528 22.04 -14.91 -8.77
N SER A 529 21.87 -13.68 -8.28
CA SER A 529 22.69 -12.54 -8.69
C SER A 529 23.28 -11.85 -7.47
N THR A 530 23.91 -12.64 -6.59
CA THR A 530 24.35 -12.23 -5.26
C THR A 530 24.88 -10.81 -5.15
N GLU A 531 25.60 -10.32 -6.17
CA GLU A 531 26.08 -8.95 -6.12
C GLU A 531 24.94 -7.92 -6.17
N ALA A 532 23.89 -8.20 -6.94
CA ALA A 532 22.72 -7.33 -6.95
C ALA A 532 22.04 -7.32 -5.58
N GLY A 533 21.92 -8.49 -4.96
CA GLY A 533 21.42 -8.55 -3.61
C GLY A 533 22.30 -7.80 -2.63
N GLN A 534 23.61 -7.81 -2.84
CA GLN A 534 24.52 -7.04 -1.99
C GLN A 534 24.28 -5.54 -2.14
N LYS A 535 24.08 -5.07 -3.37
CA LYS A 535 23.75 -3.67 -3.59
C LYS A 535 22.44 -3.29 -2.90
N LEU A 536 21.41 -4.12 -3.06
CA LEU A 536 20.14 -3.85 -2.41
C LEU A 536 20.28 -3.89 -0.90
N PHE A 537 21.12 -4.79 -0.39
CA PHE A 537 21.42 -4.91 1.03
C PHE A 537 22.06 -3.64 1.55
N ASN A 538 23.00 -3.08 0.80
CA ASN A 538 23.58 -1.80 1.18
C ASN A 538 22.52 -0.72 1.26
N MET A 539 21.66 -0.64 0.24
CA MET A 539 20.62 0.39 0.25
C MET A 539 19.66 0.26 1.43
N LEU A 540 19.15 -0.94 1.69
CA LEU A 540 18.17 -1.11 2.75
C LEU A 540 18.79 -1.43 4.10
N ARG A 541 20.12 -1.41 4.19
CA ARG A 541 20.81 -1.33 5.46
C ARG A 541 21.21 0.09 5.80
N LEU A 542 21.25 0.98 4.81
CA LEU A 542 21.46 2.40 5.09
C LEU A 542 20.41 2.91 6.08
N GLY A 543 19.17 2.47 5.93
CA GLY A 543 18.11 2.85 6.85
C GLY A 543 17.65 4.28 6.66
N LYS A 544 17.31 4.96 7.76
CA LYS A 544 16.94 6.36 7.73
C LYS A 544 18.09 7.27 8.16
N SER A 545 19.30 6.73 8.26
CA SER A 545 20.47 7.50 8.65
C SER A 545 20.83 8.57 7.65
N GLU A 546 20.36 8.45 6.42
CA GLU A 546 20.63 9.42 5.38
C GLU A 546 19.31 9.76 4.69
N PRO A 547 19.22 10.92 4.06
CA PRO A 547 17.98 11.27 3.34
C PRO A 547 17.67 10.28 2.25
N TRP A 548 16.37 10.05 2.03
CA TRP A 548 15.94 9.02 1.09
C TRP A 548 16.39 9.34 -0.34
N THR A 549 16.59 10.62 -0.65
CA THR A 549 17.13 10.99 -1.95
C THR A 549 18.54 10.43 -2.13
N LEU A 550 19.33 10.41 -1.05
CA LEU A 550 20.68 9.89 -1.14
C LEU A 550 20.69 8.39 -1.47
N ALA A 551 19.81 7.62 -0.82
CA ALA A 551 19.70 6.21 -1.16
C ALA A 551 19.15 6.01 -2.57
N LEU A 552 18.21 6.86 -2.97
CA LEU A 552 17.70 6.84 -4.33
C LEU A 552 18.84 6.95 -5.35
N GLU A 553 19.69 7.97 -5.17
CA GLU A 553 20.79 8.15 -6.11
C GLU A 553 21.86 7.08 -5.93
N ASN A 554 21.95 6.50 -4.73
CA ASN A 554 22.87 5.39 -4.50
C ASN A 554 22.49 4.18 -5.34
N VAL A 555 21.20 3.88 -5.45
CA VAL A 555 20.78 2.74 -6.27
C VAL A 555 20.68 3.11 -7.74
N VAL A 556 19.85 4.09 -8.11
CA VAL A 556 19.61 4.32 -9.53
C VAL A 556 20.46 5.48 -10.03
N GLY A 557 20.55 6.55 -9.25
CA GLY A 557 21.30 7.71 -9.68
C GLY A 557 20.39 8.90 -9.97
N ALA A 558 19.25 8.95 -9.29
CA ALA A 558 18.30 10.03 -9.46
C ALA A 558 17.97 10.62 -8.10
N LYS A 559 17.59 11.89 -8.09
CA LYS A 559 17.29 12.61 -6.86
C LYS A 559 15.81 12.69 -6.58
N ASN A 560 14.98 12.01 -7.37
CA ASN A 560 13.53 12.14 -7.27
C ASN A 560 12.91 10.88 -7.86
N MET A 561 11.58 10.78 -7.70
CA MET A 561 10.81 9.69 -8.27
C MET A 561 10.55 9.98 -9.74
N ASN A 562 10.77 8.99 -10.60
CA ASN A 562 10.65 9.14 -12.04
C ASN A 562 9.70 8.09 -12.59
N VAL A 563 9.10 8.41 -13.74
CA VAL A 563 8.08 7.57 -14.34
C VAL A 563 8.67 6.81 -15.53
N ARG A 564 9.91 7.14 -15.90
CA ARG A 564 10.52 6.53 -17.08
C ARG A 564 10.63 5.01 -16.99
N PRO A 565 11.12 4.41 -15.90
CA PRO A 565 11.20 2.94 -15.86
C PRO A 565 9.84 2.26 -16.00
N LEU A 566 8.79 2.84 -15.43
CA LEU A 566 7.47 2.24 -15.53
C LEU A 566 7.01 2.18 -16.98
N LEU A 567 7.19 3.28 -17.72
CA LEU A 567 6.84 3.28 -19.14
C LEU A 567 7.77 2.42 -19.98
N ASN A 568 9.02 2.23 -19.53
CA ASN A 568 9.91 1.27 -20.17
C ASN A 568 9.50 -0.17 -19.90
N TYR A 569 8.76 -0.42 -18.82
CA TYR A 569 8.25 -1.75 -18.56
C TYR A 569 7.15 -2.13 -19.55
N PHE A 570 6.09 -1.33 -19.58
CA PHE A 570 4.93 -1.61 -20.44
C PHE A 570 5.05 -0.95 -21.80
N GLU A 571 6.18 -1.10 -22.48
CA GLU A 571 6.28 -0.55 -23.82
C GLU A 571 5.70 -1.50 -24.88
N PRO A 572 6.10 -2.80 -24.91
CA PRO A 572 5.46 -3.73 -25.85
C PRO A 572 3.98 -3.85 -25.60
N LEU A 573 3.60 -3.80 -24.31
CA LEU A 573 2.19 -3.70 -23.96
C LEU A 573 1.58 -2.50 -24.65
N PHE A 574 2.06 -1.30 -24.32
CA PHE A 574 1.47 -0.07 -24.87
C PHE A 574 1.30 -0.18 -26.37
N THR A 575 2.28 -0.76 -27.06
CA THR A 575 2.16 -0.99 -28.50
C THR A 575 0.97 -1.88 -28.83
N TRP A 576 0.89 -3.06 -28.20
CA TRP A 576 -0.19 -4.01 -28.48
C TRP A 576 -1.55 -3.42 -28.13
N LEU A 577 -1.64 -2.78 -26.96
CA LEU A 577 -2.88 -2.21 -26.45
C LEU A 577 -3.37 -1.08 -27.35
N LYS A 578 -2.47 -0.24 -27.85
CA LYS A 578 -2.85 0.75 -28.85
C LYS A 578 -3.30 0.08 -30.14
N ASP A 579 -2.64 -1.02 -30.51
CA ASP A 579 -3.02 -1.74 -31.72
C ASP A 579 -4.41 -2.34 -31.63
N GLN A 580 -4.86 -2.69 -30.43
CA GLN A 580 -6.20 -3.29 -30.29
C GLN A 580 -7.31 -2.25 -30.26
N ASN A 581 -7.10 -1.12 -29.57
CA ASN A 581 -8.14 -0.11 -29.43
C ASN A 581 -8.13 0.91 -30.57
N LYS A 582 -7.57 0.56 -31.73
CA LYS A 582 -7.49 1.50 -32.85
C LYS A 582 -8.87 1.91 -33.33
N ASN A 583 -9.89 1.08 -33.09
CA ASN A 583 -11.24 1.35 -33.53
C ASN A 583 -12.20 1.54 -32.34
N SER A 584 -11.68 2.01 -31.21
CA SER A 584 -12.48 2.22 -30.01
C SER A 584 -12.28 3.63 -29.50
N PHE A 585 -13.30 4.15 -28.82
CA PHE A 585 -13.24 5.47 -28.21
C PHE A 585 -12.45 5.38 -26.91
N VAL A 586 -11.23 5.91 -26.91
CA VAL A 586 -10.39 5.94 -25.72
C VAL A 586 -10.77 7.18 -24.93
N GLY A 587 -11.49 6.99 -23.83
CA GLY A 587 -11.90 8.11 -23.00
C GLY A 587 -13.34 8.07 -22.57
N TRP A 588 -13.68 8.90 -21.58
CA TRP A 588 -15.03 8.97 -21.02
C TRP A 588 -15.36 10.42 -20.74
N SER A 589 -16.60 10.81 -21.01
CA SER A 589 -17.03 12.16 -20.72
C SER A 589 -17.39 12.30 -19.24
N THR A 590 -17.03 13.44 -18.66
CA THR A 590 -17.23 13.69 -17.23
C THR A 590 -18.70 13.74 -16.82
N ASP A 591 -19.55 14.40 -17.60
CA ASP A 591 -20.97 14.46 -17.31
C ASP A 591 -21.73 13.23 -17.76
N TRP A 592 -21.03 12.18 -18.16
CA TRP A 592 -21.63 11.06 -18.86
C TRP A 592 -21.61 9.83 -17.95
N SER A 593 -22.79 9.28 -17.68
CA SER A 593 -22.92 8.17 -16.73
C SER A 593 -24.24 7.46 -16.98
N PRO A 594 -24.27 6.14 -16.78
CA PRO A 594 -25.56 5.42 -16.81
C PRO A 594 -26.51 5.84 -15.71
N TYR A 595 -26.00 6.42 -14.62
CA TYR A 595 -26.86 6.92 -13.55
C TYR A 595 -27.05 8.43 -13.68
N ALA A 596 -25.95 9.19 -13.69
CA ALA A 596 -26.00 10.64 -13.81
C ALA A 596 -26.32 11.05 -15.24
N ASP A 597 -27.56 10.76 -15.64
CA ASP A 597 -28.01 11.02 -17.00
C ASP A 597 -28.11 12.51 -17.28
#